data_6Q1L
#
_entry.id   6Q1L
#
_cell.length_a   42.861
_cell.length_b   81.232
_cell.length_c   103.900
_cell.angle_alpha   90.000
_cell.angle_beta   90.000
_cell.angle_gamma   90.000
#
_symmetry.space_group_name_H-M   'P 21 21 21'
#
loop_
_entity.id
_entity.type
_entity.pdbx_description
1 polymer 'iodotyrosine deiodinase'
2 non-polymer 'FLAVIN MONONUCLEOTIDE'
3 non-polymer 3-IODO-TYROSINE
4 non-polymer 'CHLORIDE ION'
5 water water
#
_entity_poly.entity_id   1
_entity_poly.type   'polypeptide(L)'
_entity_poly.pdbx_seq_one_letter_code
;MKMLYDLAKKRKTVRRFKKEKPPLEDLIYSLKVANEAPSGMNAQPWRFLIVEDEKLKGQIRRVCERSEKTFYENVRGRLK
EWLDEKRFTWRKPFLKEAPYLLLVFSEKSAPYSRESVWLAVGYLLLALEEKGLGSVPYTPPDFREVEKLVNTPSELRLEV
ILPVGYPDDPKPKYPRNEVIVRYNTFHHHHHH
;
_entity_poly.pdbx_strand_id   A,B
#
loop_
_chem_comp.id
_chem_comp.type
_chem_comp.name
_chem_comp.formula
CL non-polymer 'CHLORIDE ION' 'Cl -1'
FMN non-polymer 'FLAVIN MONONUCLEOTIDE' 'C17 H21 N4 O9 P'
#
# COMPACT_ATOMS: atom_id res chain seq x y z
N MET A 3 -5.85 -19.21 6.45
CA MET A 3 -4.95 -18.15 6.91
C MET A 3 -4.86 -17.00 5.91
N LEU A 4 -4.49 -15.82 6.40
CA LEU A 4 -4.28 -14.71 5.47
C LEU A 4 -3.23 -15.05 4.44
N TYR A 5 -2.21 -15.81 4.82
CA TYR A 5 -1.19 -16.19 3.86
C TYR A 5 -1.80 -16.90 2.67
N ASP A 6 -2.79 -17.76 2.90
CA ASP A 6 -3.40 -18.50 1.79
C ASP A 6 -4.14 -17.56 0.86
N LEU A 7 -4.81 -16.57 1.41
CA LEU A 7 -5.49 -15.58 0.57
C LEU A 7 -4.49 -14.79 -0.25
N ALA A 8 -3.40 -14.37 0.39
CA ALA A 8 -2.40 -13.58 -0.29
C ALA A 8 -1.67 -14.42 -1.33
N LYS A 9 -1.39 -15.68 -1.00
CA LYS A 9 -0.68 -16.55 -1.93
C LYS A 9 -1.52 -16.81 -3.17
N LYS A 10 -2.82 -17.04 -2.96
CA LYS A 10 -3.75 -17.35 -4.04
C LYS A 10 -3.97 -16.16 -4.95
N ARG A 11 -4.00 -14.95 -4.40
CA ARG A 11 -4.36 -13.81 -5.21
C ARG A 11 -3.29 -13.52 -6.24
N LYS A 12 -3.71 -13.28 -7.47
CA LYS A 12 -2.83 -13.03 -8.59
C LYS A 12 -3.50 -12.02 -9.50
N THR A 13 -2.73 -11.49 -10.45
CA THR A 13 -3.28 -10.55 -11.42
C THR A 13 -4.40 -11.23 -12.19
N VAL A 14 -5.43 -10.46 -12.49
CA VAL A 14 -6.46 -10.90 -13.42
C VAL A 14 -6.54 -9.83 -14.49
N ARG A 15 -6.19 -10.21 -15.73
CA ARG A 15 -6.31 -9.34 -16.87
C ARG A 15 -7.37 -9.85 -17.85
N ARG A 16 -8.02 -10.95 -17.51
CA ARG A 16 -9.08 -11.56 -18.31
C ARG A 16 -10.33 -11.62 -17.46
N PHE A 17 -11.38 -10.97 -17.91
CA PHE A 17 -12.61 -10.84 -17.13
C PHE A 17 -13.79 -11.37 -17.91
N LYS A 18 -14.76 -11.90 -17.17
CA LYS A 18 -16.07 -12.13 -17.72
C LYS A 18 -16.80 -10.80 -17.87
N LYS A 19 -17.84 -10.79 -18.72
CA LYS A 19 -18.66 -9.61 -18.92
C LYS A 19 -19.65 -9.46 -17.76
N GLU A 20 -20.05 -10.60 -17.20
CA GLU A 20 -21.03 -10.67 -16.14
C GLU A 20 -20.69 -9.66 -15.07
N LYS A 21 -21.70 -8.90 -14.64
CA LYS A 21 -21.49 -7.84 -13.68
C LYS A 21 -21.62 -8.38 -12.25
N PRO A 22 -20.56 -8.32 -11.44
CA PRO A 22 -20.73 -8.65 -10.03
C PRO A 22 -21.70 -7.69 -9.37
N PRO A 23 -22.36 -8.12 -8.31
CA PRO A 23 -23.16 -7.17 -7.53
C PRO A 23 -22.29 -6.03 -7.03
N LEU A 24 -22.86 -4.83 -7.05
CA LEU A 24 -22.14 -3.66 -6.55
C LEU A 24 -21.65 -3.88 -5.13
N GLU A 25 -22.44 -4.57 -4.30
CA GLU A 25 -22.04 -4.76 -2.91
C GLU A 25 -20.71 -5.50 -2.79
N ASP A 26 -20.41 -6.42 -3.70
CA ASP A 26 -19.13 -7.12 -3.64
C ASP A 26 -17.98 -6.13 -3.83
N LEU A 27 -18.12 -5.22 -4.78
CA LEU A 27 -17.14 -4.15 -4.94
C LEU A 27 -17.15 -3.21 -3.74
N ILE A 28 -18.33 -2.81 -3.25
CA ILE A 28 -18.36 -1.89 -2.12
C ILE A 28 -17.73 -2.52 -0.89
N TYR A 29 -17.97 -3.81 -0.67
CA TYR A 29 -17.29 -4.50 0.43
C TYR A 29 -15.80 -4.23 0.43
N SER A 30 -15.15 -4.40 -0.72
CA SER A 30 -13.70 -4.23 -0.78
CA SER A 30 -13.71 -4.23 -0.76
C SER A 30 -13.31 -2.80 -0.44
N LEU A 31 -14.12 -1.82 -0.82
CA LEU A 31 -13.83 -0.44 -0.44
C LEU A 31 -14.00 -0.24 1.06
N LYS A 32 -15.00 -0.90 1.65
CA LYS A 32 -15.21 -0.81 3.08
C LYS A 32 -14.03 -1.41 3.84
N VAL A 33 -13.49 -2.53 3.35
CA VAL A 33 -12.28 -3.09 3.96
C VAL A 33 -11.14 -2.10 3.84
N ALA A 34 -10.90 -1.61 2.62
CA ALA A 34 -9.80 -0.68 2.39
C ALA A 34 -9.91 0.54 3.27
N ASN A 35 -11.14 0.99 3.52
CA ASN A 35 -11.37 2.21 4.28
C ASN A 35 -11.01 2.04 5.75
N GLU A 36 -10.90 0.83 6.23
CA GLU A 36 -10.49 0.53 7.60
C GLU A 36 -8.98 0.63 7.76
N ALA A 37 -8.26 0.77 6.66
CA ALA A 37 -6.82 0.86 6.71
C ALA A 37 -6.35 2.10 7.46
N PRO A 38 -5.15 2.05 7.98
CA PRO A 38 -4.54 3.24 8.55
C PRO A 38 -4.17 4.24 7.47
N SER A 39 -3.93 5.47 7.91
CA SER A 39 -3.48 6.49 6.99
C SER A 39 -2.83 7.59 7.77
N GLY A 40 -2.01 8.36 7.05
CA GLY A 40 -1.39 9.52 7.64
C GLY A 40 -2.42 10.46 8.24
N MET A 41 -2.25 10.73 9.53
CA MET A 41 -3.13 11.62 10.28
C MET A 41 -4.59 11.18 10.20
N ASN A 42 -4.79 9.87 9.98
CA ASN A 42 -6.12 9.31 9.79
C ASN A 42 -6.95 10.11 8.79
N ALA A 43 -6.28 10.68 7.79
CA ALA A 43 -6.97 11.49 6.81
C ALA A 43 -7.88 10.69 5.89
N GLN A 44 -7.69 9.38 5.79
CA GLN A 44 -8.47 8.53 4.89
C GLN A 44 -8.44 9.15 3.50
N PRO A 45 -7.24 9.29 2.92
CA PRO A 45 -7.04 10.12 1.72
C PRO A 45 -7.39 9.45 0.40
N TRP A 46 -8.02 8.28 0.46
CA TRP A 46 -8.46 7.60 -0.73
C TRP A 46 -9.82 8.10 -1.17
N ARG A 47 -10.02 8.13 -2.48
CA ARG A 47 -11.31 8.45 -3.06
C ARG A 47 -11.53 7.48 -4.20
N PHE A 48 -12.77 7.02 -4.35
CA PHE A 48 -13.09 5.95 -5.28
C PHE A 48 -14.09 6.44 -6.31
N LEU A 49 -13.78 6.19 -7.57
CA LEU A 49 -14.64 6.47 -8.71
C LEU A 49 -14.89 5.17 -9.44
N ILE A 50 -16.14 4.76 -9.49
CA ILE A 50 -16.51 3.49 -10.11
C ILE A 50 -17.00 3.80 -11.50
N VAL A 51 -16.24 3.38 -12.52
CA VAL A 51 -16.61 3.61 -13.91
C VAL A 51 -17.24 2.35 -14.45
N GLU A 52 -18.47 2.48 -14.93
CA GLU A 52 -19.15 1.39 -15.58
C GLU A 52 -19.68 1.75 -16.96
N ASP A 53 -19.88 3.03 -17.25
CA ASP A 53 -20.46 3.45 -18.52
C ASP A 53 -19.58 2.99 -19.68
N GLU A 54 -20.19 2.32 -20.67
CA GLU A 54 -19.38 1.69 -21.70
C GLU A 54 -18.67 2.71 -22.58
N LYS A 55 -19.33 3.85 -22.88
CA LYS A 55 -18.70 4.90 -23.66
C LYS A 55 -17.46 5.42 -22.95
N LEU A 56 -17.59 5.73 -21.67
CA LEU A 56 -16.48 6.24 -20.88
C LEU A 56 -15.36 5.20 -20.76
N LYS A 57 -15.73 3.93 -20.51
CA LYS A 57 -14.70 2.90 -20.47
C LYS A 57 -13.93 2.89 -21.77
N GLY A 58 -14.64 3.00 -22.90
CA GLY A 58 -13.96 3.02 -24.18
C GLY A 58 -13.02 4.19 -24.32
N GLN A 59 -13.45 5.37 -23.89
CA GLN A 59 -12.57 6.54 -23.92
C GLN A 59 -11.34 6.31 -23.07
N ILE A 60 -11.55 5.78 -21.86
CA ILE A 60 -10.40 5.54 -21.00
C ILE A 60 -9.47 4.53 -21.65
N ARG A 61 -10.04 3.48 -22.21
CA ARG A 61 -9.24 2.46 -22.87
CA ARG A 61 -9.23 2.46 -22.86
C ARG A 61 -8.40 3.06 -23.99
N ARG A 62 -9.03 3.83 -24.87
CA ARG A 62 -8.30 4.34 -26.02
C ARG A 62 -7.23 5.34 -25.61
N VAL A 63 -7.51 6.17 -24.61
CA VAL A 63 -6.48 7.11 -24.14
C VAL A 63 -5.31 6.35 -23.52
N CYS A 64 -5.60 5.29 -22.76
CA CYS A 64 -4.53 4.49 -22.17
C CYS A 64 -3.75 3.74 -23.24
N GLU A 65 -4.45 3.14 -24.19
CA GLU A 65 -3.78 2.38 -25.26
C GLU A 65 -2.88 3.28 -26.09
N ARG A 66 -3.35 4.48 -26.44
CA ARG A 66 -2.49 5.42 -27.17
C ARG A 66 -1.19 5.67 -26.40
N SER A 67 -1.32 5.95 -25.11
CA SER A 67 -0.17 6.27 -24.29
C SER A 67 0.74 5.07 -24.14
N GLU A 68 0.14 3.87 -24.00
CA GLU A 68 0.92 2.64 -23.92
C GLU A 68 1.64 2.38 -25.23
N LYS A 69 0.96 2.58 -26.35
CA LYS A 69 1.60 2.30 -27.63
C LYS A 69 2.87 3.11 -27.78
N THR A 70 2.83 4.39 -27.42
CA THR A 70 4.04 5.21 -27.43
C THR A 70 5.06 4.66 -26.44
N PHE A 71 4.58 4.24 -25.27
CA PHE A 71 5.46 3.70 -24.25
C PHE A 71 6.17 2.46 -24.77
N TYR A 72 5.42 1.55 -25.37
CA TYR A 72 6.02 0.31 -25.87
C TYR A 72 7.00 0.59 -27.00
N GLU A 73 6.80 1.67 -27.73
CA GLU A 73 7.76 2.05 -28.76
C GLU A 73 9.08 2.54 -28.18
N ASN A 74 9.05 3.06 -26.94
CA ASN A 74 10.20 3.74 -26.36
C ASN A 74 10.79 3.08 -25.13
N VAL A 75 10.08 2.17 -24.46
CA VAL A 75 10.62 1.58 -23.25
C VAL A 75 11.90 0.82 -23.59
N ARG A 76 12.85 0.85 -22.65
CA ARG A 76 14.12 0.12 -22.77
C ARG A 76 14.45 -0.46 -21.40
N GLY A 77 15.61 -1.11 -21.32
CA GLY A 77 16.09 -1.60 -20.04
C GLY A 77 15.29 -2.76 -19.48
N ARG A 78 15.28 -2.85 -18.15
CA ARG A 78 14.75 -4.02 -17.47
C ARG A 78 13.25 -4.16 -17.65
N LEU A 79 12.50 -3.05 -17.60
CA LEU A 79 11.05 -3.17 -17.80
C LEU A 79 10.75 -3.68 -19.21
N LYS A 80 11.39 -3.09 -20.23
CA LYS A 80 11.22 -3.61 -21.58
C LYS A 80 11.54 -5.09 -21.64
N GLU A 81 12.63 -5.50 -21.00
CA GLU A 81 13.00 -6.92 -21.05
C GLU A 81 11.92 -7.80 -20.44
N TRP A 82 11.37 -7.38 -19.29
CA TRP A 82 10.33 -8.12 -18.62
C TRP A 82 9.04 -8.15 -19.44
N LEU A 83 8.65 -6.99 -19.98
CA LEU A 83 7.44 -6.91 -20.80
C LEU A 83 7.55 -7.78 -22.03
N ASP A 84 8.74 -7.79 -22.66
CA ASP A 84 8.93 -8.59 -23.85
C ASP A 84 8.85 -10.05 -23.52
N GLU A 85 9.47 -10.47 -22.42
CA GLU A 85 9.49 -11.91 -22.15
C GLU A 85 8.11 -12.39 -21.74
N LYS A 86 7.29 -11.50 -21.16
CA LYS A 86 5.92 -11.84 -20.79
C LYS A 86 4.94 -11.67 -21.95
N ARG A 87 5.40 -11.10 -23.07
CA ARG A 87 4.61 -10.90 -24.28
C ARG A 87 3.46 -9.92 -24.02
N PHE A 88 3.74 -8.93 -23.19
CA PHE A 88 2.83 -7.80 -23.03
C PHE A 88 2.79 -6.95 -24.29
N THR A 89 1.64 -6.31 -24.51
CA THR A 89 1.53 -5.32 -25.58
C THR A 89 0.74 -4.12 -25.09
N TRP A 90 0.61 -3.12 -25.98
CA TRP A 90 -0.03 -1.86 -25.61
C TRP A 90 -1.54 -1.96 -25.60
N ARG A 91 -2.11 -2.99 -26.21
CA ARG A 91 -3.56 -3.15 -26.23
C ARG A 91 -4.01 -3.52 -24.83
N LYS A 92 -5.13 -2.95 -24.40
CA LYS A 92 -5.64 -3.13 -23.05
C LYS A 92 -7.12 -3.48 -23.11
N PRO A 93 -7.44 -4.66 -23.63
CA PRO A 93 -8.86 -5.03 -23.74
C PRO A 93 -9.58 -5.11 -22.41
N PHE A 94 -8.86 -5.36 -21.31
CA PHE A 94 -9.53 -5.47 -20.03
C PHE A 94 -10.14 -4.15 -19.61
N LEU A 95 -9.73 -3.04 -20.21
CA LEU A 95 -10.37 -1.78 -19.85
C LEU A 95 -11.75 -1.65 -20.47
N LYS A 96 -12.06 -2.42 -21.51
CA LYS A 96 -13.43 -2.53 -21.96
C LYS A 96 -14.15 -3.73 -21.35
N GLU A 97 -13.46 -4.86 -21.21
CA GLU A 97 -14.17 -6.08 -20.81
C GLU A 97 -14.54 -6.08 -19.33
N ALA A 98 -13.75 -5.45 -18.47
CA ALA A 98 -14.10 -5.50 -17.06
C ALA A 98 -15.39 -4.71 -16.81
N PRO A 99 -16.31 -5.27 -16.02
CA PRO A 99 -17.57 -4.54 -15.77
C PRO A 99 -17.38 -3.29 -14.97
N TYR A 100 -16.31 -3.20 -14.18
CA TYR A 100 -16.01 -2.02 -13.39
C TYR A 100 -14.59 -1.62 -13.66
N LEU A 101 -14.35 -0.34 -13.83
CA LEU A 101 -13.03 0.25 -13.66
C LEU A 101 -13.11 1.03 -12.36
N LEU A 102 -12.41 0.58 -11.34
CA LEU A 102 -12.36 1.31 -10.08
C LEU A 102 -11.14 2.22 -10.12
N LEU A 103 -11.39 3.52 -10.22
CA LEU A 103 -10.34 4.53 -10.23
C LEU A 103 -10.10 4.98 -8.80
N VAL A 104 -8.86 4.84 -8.34
CA VAL A 104 -8.47 5.13 -6.97
C VAL A 104 -7.64 6.39 -6.98
N PHE A 105 -8.07 7.36 -6.20
CA PHE A 105 -7.42 8.65 -6.12
C PHE A 105 -6.87 8.89 -4.73
N SER A 106 -5.83 9.70 -4.64
CA SER A 106 -5.28 10.17 -3.37
C SER A 106 -5.56 11.66 -3.21
N GLU A 107 -5.91 12.05 -2.00
CA GLU A 107 -6.08 13.45 -1.67
C GLU A 107 -4.69 14.07 -1.50
N LYS A 108 -4.32 14.94 -2.45
CA LYS A 108 -2.96 15.43 -2.53
C LYS A 108 -2.50 16.14 -1.26
N SER A 109 -3.40 16.83 -0.58
CA SER A 109 -2.98 17.67 0.53
C SER A 109 -2.72 16.87 1.79
N ALA A 110 -3.16 15.61 1.84
CA ALA A 110 -3.01 14.84 3.08
C ALA A 110 -1.57 14.37 3.25
N PRO A 111 -1.09 14.35 4.49
CA PRO A 111 0.28 13.87 4.73
C PRO A 111 0.40 12.39 4.45
N TYR A 112 1.46 12.02 3.71
CA TYR A 112 1.67 10.63 3.32
C TYR A 112 0.45 10.07 2.60
N SER A 113 -0.17 10.93 1.79
CA SER A 113 -1.37 10.54 1.07
C SER A 113 -1.13 9.34 0.15
N ARG A 114 -0.03 9.37 -0.61
CA ARG A 114 0.19 8.33 -1.62
C ARG A 114 0.53 7.01 -0.96
N GLU A 115 1.40 7.05 0.05
CA GLU A 115 1.71 5.87 0.83
C GLU A 115 0.45 5.27 1.42
N SER A 116 -0.40 6.15 1.97
CA SER A 116 -1.59 5.66 2.65
C SER A 116 -2.54 5.00 1.67
N VAL A 117 -2.75 5.63 0.51
CA VAL A 117 -3.66 5.06 -0.47
C VAL A 117 -3.14 3.72 -0.99
N TRP A 118 -1.83 3.62 -1.23
CA TRP A 118 -1.34 2.34 -1.74
C TRP A 118 -1.43 1.25 -0.67
N LEU A 119 -1.24 1.60 0.59
CA LEU A 119 -1.49 0.64 1.66
C LEU A 119 -2.93 0.14 1.64
N ALA A 120 -3.89 1.07 1.55
CA ALA A 120 -5.30 0.71 1.44
C ALA A 120 -5.55 -0.15 0.20
N VAL A 121 -4.86 0.13 -0.90
CA VAL A 121 -5.01 -0.72 -2.08
C VAL A 121 -4.62 -2.18 -1.77
N GLY A 122 -3.61 -2.36 -0.92
CA GLY A 122 -3.27 -3.71 -0.50
C GLY A 122 -4.42 -4.40 0.20
N TYR A 123 -5.09 -3.68 1.12
CA TYR A 123 -6.28 -4.23 1.73
C TYR A 123 -7.32 -4.55 0.67
N LEU A 124 -7.52 -3.61 -0.24
CA LEU A 124 -8.57 -3.71 -1.25
C LEU A 124 -8.38 -4.96 -2.09
N LEU A 125 -7.16 -5.21 -2.50
CA LEU A 125 -6.92 -6.37 -3.37
C LEU A 125 -7.23 -7.66 -2.63
N LEU A 126 -6.90 -7.73 -1.34
CA LEU A 126 -7.19 -8.92 -0.57
C LEU A 126 -8.70 -9.10 -0.44
N ALA A 127 -9.43 -7.99 -0.25
CA ALA A 127 -10.86 -8.11 -0.11
C ALA A 127 -11.50 -8.58 -1.41
N LEU A 128 -11.02 -8.05 -2.54
CA LEU A 128 -11.57 -8.50 -3.81
C LEU A 128 -11.39 -10.00 -3.99
N GLU A 129 -10.21 -10.50 -3.63
CA GLU A 129 -9.95 -11.94 -3.70
C GLU A 129 -10.90 -12.71 -2.79
N GLU A 130 -11.15 -12.19 -1.59
CA GLU A 130 -12.07 -12.86 -0.69
C GLU A 130 -13.43 -13.03 -1.32
N LYS A 131 -13.87 -12.04 -2.11
CA LYS A 131 -15.17 -12.08 -2.78
C LYS A 131 -15.12 -12.79 -4.14
N GLY A 132 -13.97 -13.32 -4.53
CA GLY A 132 -13.90 -14.02 -5.79
C GLY A 132 -13.83 -13.11 -6.99
N LEU A 133 -13.44 -11.87 -6.78
CA LEU A 133 -13.28 -10.93 -7.86
C LEU A 133 -11.81 -10.86 -8.21
N GLY A 134 -11.53 -10.43 -9.43
CA GLY A 134 -10.16 -10.26 -9.88
C GLY A 134 -9.85 -8.80 -10.15
N SER A 135 -8.57 -8.45 -10.19
CA SER A 135 -8.20 -7.10 -10.61
CA SER A 135 -8.14 -7.07 -10.42
C SER A 135 -6.73 -7.08 -11.00
N VAL A 136 -6.33 -5.93 -11.53
CA VAL A 136 -4.93 -5.65 -11.87
C VAL A 136 -4.71 -4.17 -11.54
N PRO A 137 -3.62 -3.82 -10.83
CA PRO A 137 -3.31 -2.40 -10.63
C PRO A 137 -2.75 -1.82 -11.90
N TYR A 138 -3.60 -1.24 -12.70
CA TYR A 138 -3.19 -0.75 -14.01
C TYR A 138 -2.72 0.69 -13.90
N THR A 139 -1.50 0.94 -14.36
CA THR A 139 -0.87 2.25 -14.25
C THR A 139 -0.42 2.67 -15.64
N PRO A 140 -1.25 3.38 -16.38
CA PRO A 140 -0.88 3.82 -17.74
C PRO A 140 0.17 4.91 -17.67
N PRO A 141 0.87 5.18 -18.78
CA PRO A 141 1.95 6.17 -18.73
C PRO A 141 1.48 7.60 -18.48
N ASP A 142 0.25 7.97 -18.84
CA ASP A 142 -0.21 9.35 -18.71
C ASP A 142 -1.55 9.39 -17.98
N PHE A 143 -1.47 9.51 -16.66
CA PHE A 143 -2.68 9.59 -15.86
C PHE A 143 -3.47 10.87 -16.13
N ARG A 144 -2.79 11.94 -16.54
CA ARG A 144 -3.46 13.24 -16.66
C ARG A 144 -4.62 13.19 -17.62
N GLU A 145 -4.45 12.53 -18.77
CA GLU A 145 -5.52 12.47 -19.75
C GLU A 145 -6.72 11.71 -19.19
N VAL A 146 -6.46 10.63 -18.44
CA VAL A 146 -7.54 9.87 -17.82
C VAL A 146 -8.22 10.72 -16.77
N GLU A 147 -7.44 11.42 -15.95
CA GLU A 147 -8.00 12.32 -14.95
C GLU A 147 -8.95 13.32 -15.60
N LYS A 148 -8.57 13.87 -16.75
CA LYS A 148 -9.41 14.88 -17.38
C LYS A 148 -10.69 14.25 -17.88
N LEU A 149 -10.62 13.00 -18.37
CA LEU A 149 -11.82 12.35 -18.88
C LEU A 149 -12.91 12.19 -17.84
N VAL A 150 -12.55 12.08 -16.57
CA VAL A 150 -13.53 11.89 -15.52
C VAL A 150 -13.70 13.16 -14.67
N ASN A 151 -13.23 14.28 -15.18
CA ASN A 151 -13.42 15.58 -14.51
CA ASN A 151 -13.42 15.58 -14.52
C ASN A 151 -12.80 15.57 -13.12
N THR A 152 -11.61 15.00 -13.00
CA THR A 152 -10.97 14.91 -11.70
C THR A 152 -10.75 16.31 -11.14
N PRO A 153 -11.11 16.56 -9.89
CA PRO A 153 -10.79 17.85 -9.28
C PRO A 153 -9.30 17.97 -9.02
N SER A 154 -8.80 19.21 -8.98
CA SER A 154 -7.37 19.41 -8.83
C SER A 154 -6.84 18.89 -7.50
N GLU A 155 -7.72 18.70 -6.53
CA GLU A 155 -7.31 18.24 -5.21
C GLU A 155 -6.92 16.76 -5.18
N LEU A 156 -7.23 16.00 -6.21
CA LEU A 156 -7.07 14.56 -6.20
C LEU A 156 -6.15 14.11 -7.31
N ARG A 157 -5.40 13.07 -7.01
CA ARG A 157 -4.41 12.48 -7.91
C ARG A 157 -4.89 11.07 -8.20
N LEU A 158 -5.05 10.75 -9.47
CA LEU A 158 -5.36 9.37 -9.84
C LEU A 158 -4.13 8.51 -9.58
N GLU A 159 -4.29 7.49 -8.76
CA GLU A 159 -3.18 6.60 -8.41
C GLU A 159 -3.18 5.34 -9.24
N VAL A 160 -4.34 4.78 -9.53
CA VAL A 160 -4.35 3.48 -10.20
C VAL A 160 -5.75 3.28 -10.75
N ILE A 161 -5.81 2.56 -11.85
CA ILE A 161 -7.04 2.04 -12.42
C ILE A 161 -7.11 0.58 -12.09
N LEU A 162 -8.16 0.16 -11.39
CA LEU A 162 -8.31 -1.23 -10.99
C LEU A 162 -9.50 -1.79 -11.75
N PRO A 163 -9.30 -2.42 -12.90
CA PRO A 163 -10.40 -3.17 -13.50
C PRO A 163 -10.81 -4.27 -12.53
N VAL A 164 -12.12 -4.44 -12.36
CA VAL A 164 -12.64 -5.39 -11.41
C VAL A 164 -13.74 -6.18 -12.09
N GLY A 165 -13.68 -7.48 -11.94
CA GLY A 165 -14.72 -8.32 -12.49
C GLY A 165 -14.51 -9.73 -12.04
N TYR A 166 -15.32 -10.61 -12.56
CA TYR A 166 -15.09 -12.01 -12.34
C TYR A 166 -13.96 -12.49 -13.21
N PRO A 167 -13.01 -13.24 -12.67
CA PRO A 167 -11.90 -13.73 -13.48
C PRO A 167 -12.40 -14.70 -14.54
N ASP A 168 -11.79 -14.61 -15.71
CA ASP A 168 -12.09 -15.52 -16.80
C ASP A 168 -10.83 -16.34 -17.10
N ASP A 169 -10.59 -17.35 -16.26
CA ASP A 169 -9.42 -18.21 -16.34
C ASP A 169 -8.13 -17.43 -16.52
N PRO A 170 -7.74 -16.66 -15.51
CA PRO A 170 -6.54 -15.83 -15.63
C PRO A 170 -5.29 -16.68 -15.68
N LYS A 171 -4.23 -16.06 -16.17
CA LYS A 171 -2.93 -16.73 -16.26
C LYS A 171 -2.35 -16.97 -14.87
N PRO A 172 -1.42 -17.90 -14.75
CA PRO A 172 -0.90 -18.27 -13.42
C PRO A 172 -0.14 -17.14 -12.76
N LYS A 173 -0.13 -17.19 -11.43
CA LYS A 173 0.67 -16.27 -10.65
C LYS A 173 2.14 -16.42 -11.00
N TYR A 174 2.85 -15.29 -11.08
CA TYR A 174 4.28 -15.33 -11.35
C TYR A 174 5.00 -15.75 -10.08
N PRO A 175 6.24 -16.18 -10.20
CA PRO A 175 6.93 -16.70 -9.02
C PRO A 175 7.22 -15.60 -8.01
N ARG A 176 7.58 -16.02 -6.82
CA ARG A 176 8.03 -15.09 -5.81
C ARG A 176 9.37 -15.59 -5.31
N ASN A 177 10.36 -14.71 -5.37
CA ASN A 177 11.56 -14.93 -4.61
C ASN A 177 11.25 -14.98 -3.12
N GLU A 178 12.08 -15.70 -2.40
CA GLU A 178 11.99 -15.72 -0.94
C GLU A 178 12.14 -14.30 -0.40
N VAL A 179 11.41 -14.04 0.67
CA VAL A 179 11.46 -12.70 1.25
C VAL A 179 12.87 -12.46 1.79
N ILE A 180 13.34 -11.21 1.70
CA ILE A 180 14.72 -10.87 1.99
C ILE A 180 14.71 -10.15 3.31
N VAL A 181 15.23 -10.82 4.35
CA VAL A 181 15.18 -10.34 5.73
C VAL A 181 16.60 -10.29 6.27
N ARG A 182 16.98 -9.13 6.77
CA ARG A 182 18.24 -8.88 7.41
C ARG A 182 18.01 -8.48 8.85
N TYR A 183 19.08 -8.55 9.64
CA TYR A 183 18.99 -8.27 11.07
C TYR A 183 19.93 -7.16 11.48
N ASN A 184 19.36 -6.17 12.16
CA ASN A 184 20.07 -5.10 12.84
C ASN A 184 20.67 -4.11 11.87
N THR A 185 21.61 -4.53 11.04
CA THR A 185 22.19 -3.63 10.05
C THR A 185 22.49 -4.40 8.79
N PHE A 186 22.70 -3.65 7.71
CA PHE A 186 23.12 -4.21 6.43
C PHE A 186 24.63 -4.45 6.56
N MET B 3 -13.39 -13.22 8.67
CA MET B 3 -13.67 -12.32 7.57
C MET B 3 -12.57 -11.26 7.52
N LEU B 4 -12.15 -10.90 6.31
CA LEU B 4 -11.10 -9.90 6.17
C LEU B 4 -11.55 -8.55 6.72
N TYR B 5 -12.82 -8.19 6.50
CA TYR B 5 -13.28 -6.92 7.05
C TYR B 5 -13.11 -6.90 8.56
N ASP B 6 -13.28 -8.04 9.23
CA ASP B 6 -13.16 -8.03 10.68
C ASP B 6 -11.73 -7.78 11.10
N LEU B 7 -10.76 -8.36 10.38
CA LEU B 7 -9.35 -8.14 10.64
C LEU B 7 -9.00 -6.68 10.42
N ALA B 8 -9.45 -6.11 9.30
CA ALA B 8 -9.16 -4.73 8.97
C ALA B 8 -9.81 -3.78 9.96
N LYS B 9 -11.05 -4.08 10.35
CA LYS B 9 -11.76 -3.17 11.23
C LYS B 9 -11.14 -3.16 12.62
N LYS B 10 -10.71 -4.33 13.10
CA LYS B 10 -10.16 -4.41 14.45
C LYS B 10 -8.75 -3.85 14.54
N ARG B 11 -7.96 -3.96 13.48
CA ARG B 11 -6.60 -3.45 13.52
C ARG B 11 -6.59 -1.95 13.79
N LYS B 12 -5.78 -1.54 14.75
CA LYS B 12 -5.64 -0.13 15.12
C LYS B 12 -4.16 0.09 15.37
N THR B 13 -3.75 1.36 15.42
CA THR B 13 -2.37 1.65 15.76
C THR B 13 -2.04 1.13 17.14
N VAL B 14 -0.83 0.65 17.32
CA VAL B 14 -0.33 0.29 18.64
C VAL B 14 0.98 1.01 18.82
N ARG B 15 1.06 1.88 19.82
CA ARG B 15 2.26 2.64 20.13
C ARG B 15 2.84 2.29 21.48
N ARG B 16 2.31 1.28 22.14
CA ARG B 16 2.72 0.87 23.48
C ARG B 16 2.70 -0.64 23.44
N PHE B 17 3.81 -1.25 23.83
CA PHE B 17 4.02 -2.67 23.68
C PHE B 17 4.35 -3.31 25.02
N LYS B 18 4.01 -4.57 25.14
CA LYS B 18 4.44 -5.34 26.28
C LYS B 18 5.95 -5.53 26.25
N LYS B 19 6.51 -5.86 27.41
CA LYS B 19 7.94 -6.06 27.50
C LYS B 19 8.37 -7.35 26.81
N GLU B 20 7.50 -8.35 26.81
CA GLU B 20 7.86 -9.65 26.27
C GLU B 20 8.02 -9.59 24.75
N LYS B 21 8.99 -10.34 24.24
CA LYS B 21 9.30 -10.35 22.81
C LYS B 21 8.52 -11.44 22.11
N PRO B 22 7.73 -11.13 21.08
CA PRO B 22 7.03 -12.17 20.34
C PRO B 22 8.02 -13.05 19.60
N PRO B 23 7.63 -14.26 19.26
CA PRO B 23 8.52 -15.12 18.51
C PRO B 23 8.76 -14.53 17.13
N LEU B 24 9.99 -14.70 16.63
CA LEU B 24 10.34 -14.14 15.33
C LEU B 24 9.48 -14.74 14.22
N GLU B 25 9.12 -16.00 14.36
CA GLU B 25 8.24 -16.67 13.42
C GLU B 25 7.01 -15.86 13.04
N ASP B 26 6.46 -15.10 14.01
CA ASP B 26 5.27 -14.32 13.71
C ASP B 26 5.58 -13.16 12.79
N LEU B 27 6.73 -12.54 12.99
CA LEU B 27 7.12 -11.46 12.09
C LEU B 27 7.43 -12.02 10.73
N ILE B 28 8.15 -13.13 10.70
CA ILE B 28 8.51 -13.73 9.42
C ILE B 28 7.26 -14.13 8.66
N TYR B 29 6.28 -14.73 9.34
CA TYR B 29 5.00 -15.02 8.71
C TYR B 29 4.44 -13.79 8.02
N SER B 30 4.44 -12.65 8.72
CA SER B 30 3.84 -11.46 8.14
CA SER B 30 3.83 -11.47 8.13
C SER B 30 4.64 -10.95 6.96
N LEU B 31 5.96 -11.19 6.96
CA LEU B 31 6.77 -10.79 5.83
C LEU B 31 6.52 -11.72 4.65
N LYS B 32 6.23 -12.98 4.94
CA LYS B 32 5.91 -13.93 3.87
C LYS B 32 4.57 -13.59 3.24
N VAL B 33 3.59 -13.19 4.05
CA VAL B 33 2.35 -12.69 3.52
C VAL B 33 2.64 -11.50 2.60
N ALA B 34 3.38 -10.52 3.10
CA ALA B 34 3.60 -9.31 2.33
C ALA B 34 4.27 -9.64 1.00
N ASN B 35 5.16 -10.64 1.03
CA ASN B 35 5.95 -11.01 -0.14
C ASN B 35 5.10 -11.61 -1.24
N GLU B 36 3.87 -12.02 -0.92
CA GLU B 36 2.95 -12.54 -1.91
C GLU B 36 2.20 -11.44 -2.63
N ALA B 37 2.36 -10.20 -2.17
CA ALA B 37 1.68 -9.08 -2.78
C ALA B 37 2.14 -8.90 -4.21
N PRO B 38 1.31 -8.29 -5.04
CA PRO B 38 1.76 -7.84 -6.35
C PRO B 38 2.77 -6.70 -6.24
N SER B 39 3.46 -6.45 -7.35
CA SER B 39 4.40 -5.34 -7.43
C SER B 39 4.63 -5.02 -8.90
N GLY B 40 5.10 -3.81 -9.14
CA GLY B 40 5.40 -3.39 -10.49
C GLY B 40 6.44 -4.33 -11.07
N MET B 41 6.16 -4.89 -12.24
CA MET B 41 7.12 -5.77 -12.92
C MET B 41 7.43 -7.02 -12.09
N ASN B 42 6.57 -7.34 -11.11
CA ASN B 42 6.84 -8.42 -10.15
C ASN B 42 8.25 -8.29 -9.59
N ALA B 43 8.69 -7.04 -9.42
CA ALA B 43 10.03 -6.81 -8.90
C ALA B 43 10.19 -7.23 -7.45
N GLN B 44 9.10 -7.33 -6.70
CA GLN B 44 9.17 -7.60 -5.26
C GLN B 44 10.17 -6.64 -4.63
N PRO B 45 9.94 -5.34 -4.73
CA PRO B 45 10.96 -4.34 -4.35
C PRO B 45 11.06 -4.03 -2.87
N TRP B 46 10.46 -4.83 -2.01
CA TRP B 46 10.55 -4.63 -0.58
C TRP B 46 11.75 -5.38 -0.02
N ARG B 47 12.43 -4.76 0.93
CA ARG B 47 13.48 -5.42 1.69
C ARG B 47 13.21 -5.09 3.15
N PHE B 48 13.51 -6.03 4.04
CA PHE B 48 13.17 -5.91 5.45
C PHE B 48 14.42 -6.02 6.31
N LEU B 49 14.48 -5.16 7.31
CA LEU B 49 15.55 -5.19 8.30
C LEU B 49 14.87 -5.24 9.66
N ILE B 50 15.13 -6.31 10.42
CA ILE B 50 14.56 -6.46 11.76
C ILE B 50 15.61 -6.05 12.76
N VAL B 51 15.34 -4.97 13.49
CA VAL B 51 16.28 -4.41 14.43
C VAL B 51 15.84 -4.86 15.81
N GLU B 52 16.70 -5.61 16.49
CA GLU B 52 16.46 -6.05 17.85
C GLU B 52 17.49 -5.52 18.83
N ASP B 53 18.67 -5.13 18.35
CA ASP B 53 19.74 -4.72 19.24
C ASP B 53 19.31 -3.48 20.02
N GLU B 54 19.44 -3.55 21.34
CA GLU B 54 18.91 -2.48 22.19
C GLU B 54 19.69 -1.18 21.98
N LYS B 55 21.01 -1.24 21.85
CA LYS B 55 21.77 -0.03 21.61
C LYS B 55 21.31 0.62 20.31
N LEU B 56 21.10 -0.18 19.28
CA LEU B 56 20.72 0.35 17.99
C LEU B 56 19.31 0.94 18.03
N LYS B 57 18.38 0.28 18.70
CA LYS B 57 17.06 0.86 18.84
C LYS B 57 17.15 2.19 19.54
N GLY B 58 18.02 2.28 20.55
CA GLY B 58 18.15 3.52 21.29
C GLY B 58 18.73 4.61 20.41
N GLN B 59 19.68 4.25 19.55
CA GLN B 59 20.20 5.22 18.60
C GLN B 59 19.10 5.72 17.67
N ILE B 60 18.27 4.80 17.16
CA ILE B 60 17.21 5.18 16.26
C ILE B 60 16.23 6.10 16.96
N ARG B 61 15.83 5.72 18.19
CA ARG B 61 14.98 6.56 19.00
C ARG B 61 15.56 7.95 19.16
N ARG B 62 16.86 8.04 19.49
CA ARG B 62 17.42 9.36 19.73
C ARG B 62 17.40 10.22 18.47
N VAL B 63 17.78 9.66 17.31
CA VAL B 63 17.81 10.49 16.11
C VAL B 63 16.39 10.91 15.74
N CYS B 64 15.43 10.01 15.89
CA CYS B 64 14.07 10.35 15.49
C CYS B 64 13.48 11.38 16.42
N GLU B 65 13.71 11.23 17.73
CA GLU B 65 13.19 12.20 18.67
C GLU B 65 13.82 13.57 18.47
N ARG B 66 15.12 13.63 18.18
CA ARG B 66 15.73 14.93 17.94
C ARG B 66 15.09 15.62 16.74
N SER B 67 14.79 14.85 15.68
CA SER B 67 14.12 15.39 14.50
C SER B 67 12.68 15.75 14.82
N GLU B 68 11.98 14.91 15.58
CA GLU B 68 10.60 15.25 15.94
C GLU B 68 10.55 16.51 16.79
N LYS B 69 11.53 16.69 17.68
CA LYS B 69 11.52 17.90 18.50
C LYS B 69 11.45 19.15 17.62
N THR B 70 12.29 19.20 16.58
CA THR B 70 12.29 20.31 15.65
C THR B 70 10.96 20.38 14.90
N PHE B 71 10.44 19.24 14.45
CA PHE B 71 9.16 19.25 13.77
C PHE B 71 8.07 19.83 14.66
N TYR B 72 8.02 19.39 15.92
CA TYR B 72 6.95 19.85 16.80
C TYR B 72 7.11 21.32 17.14
N GLU B 73 8.34 21.83 17.15
CA GLU B 73 8.52 23.26 17.40
C GLU B 73 7.90 24.08 16.26
N ASN B 74 7.96 23.56 15.04
CA ASN B 74 7.66 24.33 13.85
C ASN B 74 6.26 24.07 13.31
N VAL B 75 5.61 22.97 13.69
CA VAL B 75 4.40 22.55 13.01
C VAL B 75 3.28 23.57 13.25
N ARG B 76 2.37 23.65 12.28
CA ARG B 76 1.40 24.72 12.19
C ARG B 76 0.03 24.13 11.82
N GLY B 77 -1.01 24.94 12.04
CA GLY B 77 -2.25 24.70 11.32
C GLY B 77 -2.86 23.33 11.57
N ARG B 78 -3.44 22.75 10.52
CA ARG B 78 -4.23 21.54 10.66
C ARG B 78 -3.43 20.43 11.31
N LEU B 79 -2.20 20.22 10.84
CA LEU B 79 -1.35 19.16 11.37
C LEU B 79 -1.12 19.35 12.86
N LYS B 80 -0.78 20.58 13.28
CA LYS B 80 -0.58 20.86 14.69
C LYS B 80 -1.84 20.56 15.49
N GLU B 81 -3.00 21.02 15.01
CA GLU B 81 -4.24 20.79 15.74
C GLU B 81 -4.52 19.31 15.89
N TRP B 82 -4.27 18.53 14.84
CA TRP B 82 -4.57 17.11 14.91
C TRP B 82 -3.64 16.44 15.90
N LEU B 83 -2.35 16.77 15.83
CA LEU B 83 -1.39 16.16 16.74
C LEU B 83 -1.68 16.57 18.16
N ASP B 84 -2.06 17.85 18.37
CA ASP B 84 -2.42 18.28 19.72
C ASP B 84 -3.65 17.55 20.22
N GLU B 85 -4.68 17.41 19.37
CA GLU B 85 -5.92 16.81 19.87
C GLU B 85 -5.73 15.34 20.18
N LYS B 86 -4.81 14.68 19.50
CA LYS B 86 -4.54 13.28 19.79
C LYS B 86 -3.45 13.12 20.85
N ARG B 87 -2.90 14.24 21.34
CA ARG B 87 -1.90 14.23 22.42
C ARG B 87 -0.58 13.61 21.97
N PHE B 88 -0.20 13.78 20.71
CA PHE B 88 1.14 13.40 20.29
C PHE B 88 2.18 14.41 20.78
N THR B 89 3.41 13.95 21.00
CA THR B 89 4.55 14.81 21.22
C THR B 89 5.75 14.25 20.46
N TRP B 90 6.88 14.94 20.55
CA TRP B 90 8.09 14.47 19.91
C TRP B 90 8.59 13.17 20.50
N ARG B 91 8.12 12.76 21.66
CA ARG B 91 8.62 11.56 22.32
C ARG B 91 8.15 10.31 21.59
N LYS B 92 9.06 9.37 21.39
CA LYS B 92 8.77 8.12 20.69
C LYS B 92 9.39 6.97 21.46
N PRO B 93 8.95 6.77 22.70
CA PRO B 93 9.56 5.71 23.52
C PRO B 93 9.47 4.34 22.87
N PHE B 94 8.46 4.10 22.03
CA PHE B 94 8.26 2.79 21.43
C PHE B 94 9.41 2.43 20.51
N LEU B 95 10.18 3.41 20.05
CA LEU B 95 11.30 3.10 19.19
C LEU B 95 12.37 2.32 19.95
N LYS B 96 12.46 2.55 21.25
CA LYS B 96 13.35 1.76 22.11
C LYS B 96 12.64 0.57 22.73
N GLU B 97 11.38 0.74 23.10
CA GLU B 97 10.74 -0.26 23.94
C GLU B 97 10.12 -1.39 23.16
N ALA B 98 9.71 -1.15 21.91
CA ALA B 98 9.23 -2.26 21.10
C ALA B 98 10.33 -3.31 21.01
N PRO B 99 9.98 -4.59 21.10
CA PRO B 99 11.03 -5.62 21.01
C PRO B 99 11.67 -5.68 19.64
N TYR B 100 10.92 -5.40 18.59
CA TYR B 100 11.43 -5.39 17.24
C TYR B 100 11.12 -4.06 16.59
N LEU B 101 12.07 -3.54 15.82
CA LEU B 101 11.77 -2.52 14.84
C LEU B 101 11.90 -3.16 13.47
N LEU B 102 10.80 -3.21 12.74
CA LEU B 102 10.80 -3.76 11.39
C LEU B 102 10.93 -2.57 10.46
N LEU B 103 12.11 -2.41 9.85
CA LEU B 103 12.33 -1.33 8.89
C LEU B 103 12.05 -1.88 7.51
N VAL B 104 11.24 -1.14 6.76
CA VAL B 104 10.81 -1.55 5.44
C VAL B 104 11.42 -0.62 4.41
N PHE B 105 12.12 -1.22 3.44
CA PHE B 105 12.83 -0.50 2.41
C PHE B 105 12.26 -0.83 1.04
N SER B 106 12.39 0.11 0.12
CA SER B 106 12.03 -0.10 -1.28
C SER B 106 13.28 -0.04 -2.13
N GLU B 107 13.31 -0.87 -3.16
CA GLU B 107 14.38 -0.84 -4.17
C GLU B 107 14.16 0.33 -5.12
N LYS B 108 15.11 1.26 -5.12
CA LYS B 108 14.92 2.50 -5.89
C LYS B 108 14.68 2.23 -7.38
N SER B 109 15.32 1.22 -7.93
CA SER B 109 15.29 1.07 -9.38
C SER B 109 14.03 0.38 -9.90
N ALA B 110 13.23 -0.21 -9.04
CA ALA B 110 12.08 -0.97 -9.54
C ALA B 110 10.98 -0.02 -9.98
N PRO B 111 10.31 -0.30 -11.11
CA PRO B 111 9.14 0.51 -11.48
C PRO B 111 8.06 0.45 -10.39
N TYR B 112 7.53 1.63 -10.04
CA TYR B 112 6.44 1.70 -9.05
C TYR B 112 6.87 1.02 -7.75
N SER B 113 8.17 1.20 -7.42
CA SER B 113 8.72 0.55 -6.25
C SER B 113 8.05 1.04 -4.97
N ARG B 114 7.85 2.35 -4.83
CA ARG B 114 7.32 2.88 -3.58
C ARG B 114 5.85 2.53 -3.42
N GLU B 115 5.09 2.62 -4.50
CA GLU B 115 3.71 2.17 -4.51
C GLU B 115 3.59 0.71 -4.11
N SER B 116 4.43 -0.13 -4.73
CA SER B 116 4.35 -1.55 -4.47
C SER B 116 4.71 -1.88 -3.03
N VAL B 117 5.71 -1.20 -2.48
CA VAL B 117 6.09 -1.52 -1.11
C VAL B 117 5.00 -1.13 -0.15
N TRP B 118 4.38 0.05 -0.33
CA TRP B 118 3.27 0.44 0.55
C TRP B 118 2.05 -0.46 0.39
N LEU B 119 1.77 -0.94 -0.81
CA LEU B 119 0.75 -1.96 -0.97
C LEU B 119 1.08 -3.18 -0.11
N ALA B 120 2.32 -3.70 -0.22
CA ALA B 120 2.76 -4.83 0.56
C ALA B 120 2.70 -4.55 2.05
N VAL B 121 2.95 -3.29 2.45
CA VAL B 121 2.78 -2.93 3.86
C VAL B 121 1.34 -3.14 4.32
N GLY B 122 0.38 -2.86 3.45
CA GLY B 122 -1.00 -3.20 3.76
C GLY B 122 -1.17 -4.66 4.10
N TYR B 123 -0.61 -5.53 3.27
CA TYR B 123 -0.67 -6.94 3.58
C TYR B 123 -0.04 -7.23 4.92
N LEU B 124 1.16 -6.68 5.11
CA LEU B 124 1.95 -6.89 6.31
C LEU B 124 1.17 -6.53 7.55
N LEU B 125 0.54 -5.36 7.53
CA LEU B 125 -0.17 -4.92 8.72
C LEU B 125 -1.31 -5.85 9.06
N LEU B 126 -2.02 -6.32 8.03
CA LEU B 126 -3.11 -7.26 8.31
C LEU B 126 -2.57 -8.58 8.85
N ALA B 127 -1.41 -9.00 8.36
CA ALA B 127 -0.81 -10.24 8.84
C ALA B 127 -0.37 -10.11 10.28
N LEU B 128 0.16 -8.94 10.66
CA LEU B 128 0.52 -8.73 12.06
C LEU B 128 -0.71 -8.80 12.94
N GLU B 129 -1.82 -8.20 12.48
CA GLU B 129 -3.06 -8.27 13.23
C GLU B 129 -3.55 -9.70 13.38
N GLU B 130 -3.55 -10.45 12.28
CA GLU B 130 -3.88 -11.88 12.36
C GLU B 130 -3.07 -12.60 13.42
N LYS B 131 -1.80 -12.26 13.56
CA LYS B 131 -0.93 -12.92 14.51
C LYS B 131 -0.99 -12.33 15.90
N GLY B 132 -1.84 -11.33 16.13
CA GLY B 132 -1.99 -10.78 17.45
C GLY B 132 -0.95 -9.78 17.86
N LEU B 133 -0.19 -9.27 16.90
CA LEU B 133 0.87 -8.31 17.15
C LEU B 133 0.35 -6.93 16.82
N GLY B 134 1.02 -5.93 17.35
CA GLY B 134 0.69 -4.55 17.13
C GLY B 134 1.80 -3.87 16.38
N SER B 135 1.51 -2.73 15.77
CA SER B 135 2.47 -1.99 14.98
C SER B 135 1.95 -0.57 14.79
N VAL B 136 2.87 0.31 14.43
CA VAL B 136 2.53 1.67 14.00
C VAL B 136 3.44 1.96 12.82
N PRO B 137 2.93 2.48 11.73
CA PRO B 137 3.81 2.90 10.63
C PRO B 137 4.43 4.21 10.98
N TYR B 138 5.63 4.18 11.51
CA TYR B 138 6.26 5.41 11.97
C TYR B 138 7.14 5.99 10.88
N THR B 139 6.91 7.26 10.57
CA THR B 139 7.64 7.95 9.52
C THR B 139 8.35 9.13 10.16
N PRO B 140 9.66 9.03 10.43
CA PRO B 140 10.33 10.15 11.10
C PRO B 140 10.55 11.28 10.12
N PRO B 141 10.89 12.47 10.61
CA PRO B 141 11.14 13.59 9.69
C PRO B 141 12.33 13.40 8.78
N ASP B 142 13.37 12.70 9.23
CA ASP B 142 14.62 12.56 8.49
C ASP B 142 14.93 11.07 8.34
N PHE B 143 14.62 10.53 7.16
CA PHE B 143 14.88 9.13 6.89
C PHE B 143 16.38 8.86 6.79
N ARG B 144 17.13 9.82 6.24
CA ARG B 144 18.53 9.59 5.94
C ARG B 144 19.31 9.24 7.19
N GLU B 145 19.02 9.91 8.31
CA GLU B 145 19.77 9.63 9.54
C GLU B 145 19.52 8.21 10.02
N VAL B 146 18.29 7.71 9.86
CA VAL B 146 18.05 6.33 10.24
C VAL B 146 18.72 5.41 9.25
N GLU B 147 18.63 5.73 7.96
CA GLU B 147 19.26 4.88 6.95
C GLU B 147 20.74 4.68 7.25
N LYS B 148 21.42 5.75 7.64
CA LYS B 148 22.86 5.63 7.88
C LYS B 148 23.14 4.79 9.10
N LEU B 149 22.29 4.85 10.10
CA LEU B 149 22.51 4.09 11.32
C LEU B 149 22.54 2.60 11.06
N VAL B 150 21.80 2.11 10.07
CA VAL B 150 21.74 0.69 9.77
C VAL B 150 22.53 0.33 8.52
N ASN B 151 23.34 1.26 8.00
CA ASN B 151 24.24 0.99 6.87
CA ASN B 151 24.24 0.98 6.88
C ASN B 151 23.45 0.70 5.60
N THR B 152 22.39 1.45 5.39
CA THR B 152 21.53 1.21 4.25
C THR B 152 22.32 1.36 2.96
N PRO B 153 22.25 0.40 2.06
CA PRO B 153 22.90 0.56 0.76
C PRO B 153 22.19 1.58 -0.11
N SER B 154 22.97 2.13 -1.05
CA SER B 154 22.48 3.28 -1.82
C SER B 154 21.27 2.91 -2.65
N GLU B 155 21.12 1.63 -3.02
CA GLU B 155 20.04 1.19 -3.88
C GLU B 155 18.71 1.11 -3.15
N LEU B 156 18.70 1.22 -1.83
CA LEU B 156 17.49 1.09 -1.04
C LEU B 156 17.06 2.40 -0.37
N ARG B 157 15.76 2.51 -0.17
CA ARG B 157 15.13 3.68 0.42
C ARG B 157 14.28 3.21 1.58
N LEU B 158 14.53 3.74 2.77
CA LEU B 158 13.70 3.41 3.91
C LEU B 158 12.35 4.07 3.73
N GLU B 159 11.29 3.25 3.82
CA GLU B 159 9.92 3.73 3.69
C GLU B 159 9.26 3.98 5.04
N VAL B 160 9.49 3.10 6.00
CA VAL B 160 8.74 3.18 7.24
C VAL B 160 9.41 2.32 8.29
N ILE B 161 9.29 2.76 9.54
CA ILE B 161 9.73 2.00 10.69
C ILE B 161 8.48 1.42 11.34
N LEU B 162 8.44 0.10 11.46
CA LEU B 162 7.30 -0.58 12.06
C LEU B 162 7.72 -1.18 13.39
N PRO B 163 7.55 -0.48 14.51
CA PRO B 163 7.70 -1.15 15.81
C PRO B 163 6.69 -2.25 15.89
N VAL B 164 7.13 -3.42 16.30
CA VAL B 164 6.27 -4.60 16.39
C VAL B 164 6.43 -5.21 17.75
N GLY B 165 5.32 -5.64 18.32
CA GLY B 165 5.34 -6.27 19.63
C GLY B 165 3.94 -6.64 20.05
N TYR B 166 3.85 -7.18 21.25
CA TYR B 166 2.54 -7.47 21.80
C TYR B 166 1.89 -6.16 22.20
N PRO B 167 0.64 -5.89 21.83
CA PRO B 167 0.04 -4.61 22.17
C PRO B 167 -0.14 -4.48 23.67
N ASP B 168 0.01 -3.27 24.18
CA ASP B 168 -0.16 -3.03 25.61
C ASP B 168 -1.12 -1.89 25.91
N ASP B 169 -2.38 -2.26 26.19
CA ASP B 169 -3.44 -1.32 26.53
C ASP B 169 -3.57 -0.23 25.46
N PRO B 170 -3.70 -0.61 24.19
CA PRO B 170 -3.79 0.41 23.15
C PRO B 170 -4.94 1.38 23.39
N LYS B 171 -4.74 2.59 22.89
CA LYS B 171 -5.80 3.57 22.78
C LYS B 171 -6.76 3.13 21.69
N PRO B 172 -7.99 3.64 21.67
CA PRO B 172 -8.96 3.14 20.69
C PRO B 172 -8.60 3.54 19.27
N LYS B 173 -9.08 2.73 18.35
CA LYS B 173 -9.04 3.09 16.94
C LYS B 173 -9.77 4.41 16.72
N TYR B 174 -9.19 5.24 15.88
CA TYR B 174 -9.83 6.51 15.52
C TYR B 174 -10.97 6.22 14.55
N PRO B 175 -11.88 7.16 14.40
CA PRO B 175 -13.07 6.89 13.58
C PRO B 175 -12.69 6.69 12.13
N ARG B 176 -13.63 6.10 11.42
CA ARG B 176 -13.53 5.99 9.97
C ARG B 176 -14.82 6.53 9.38
N ASN B 177 -14.72 7.57 8.55
CA ASN B 177 -15.86 7.99 7.75
C ASN B 177 -16.24 6.89 6.78
N GLU B 178 -17.53 6.77 6.52
CA GLU B 178 -18.02 5.83 5.53
C GLU B 178 -17.37 6.12 4.17
N VAL B 179 -17.19 5.07 3.38
CA VAL B 179 -16.80 5.30 2.00
C VAL B 179 -17.95 5.97 1.29
N ILE B 180 -17.65 7.03 0.56
CA ILE B 180 -18.61 7.64 -0.36
C ILE B 180 -18.02 7.51 -1.76
N VAL B 181 -18.65 6.69 -2.55
CA VAL B 181 -18.18 6.45 -3.90
C VAL B 181 -18.81 7.48 -4.81
N ARG B 182 -18.15 7.68 -5.93
CA ARG B 182 -18.72 8.35 -7.09
C ARG B 182 -18.74 7.38 -8.25
N TYR B 183 -19.56 7.71 -9.23
CA TYR B 183 -19.76 6.87 -10.40
C TYR B 183 -19.44 7.64 -11.64
N ASN B 184 -18.64 7.01 -12.49
CA ASN B 184 -18.25 7.41 -13.83
C ASN B 184 -17.44 8.68 -13.88
N THR B 185 -17.98 9.81 -13.42
CA THR B 185 -17.22 11.04 -13.44
C THR B 185 -17.54 11.85 -12.20
N PHE B 186 -16.67 12.79 -11.91
CA PHE B 186 -16.88 13.79 -10.86
C PHE B 186 -17.86 14.81 -11.44
N1 FMN C . 0.08 -4.89 -14.57
C2 FMN C . -0.15 -4.47 -15.86
O2 FMN C . -0.50 -5.27 -16.72
N3 FMN C . -0.02 -3.16 -16.19
C4 FMN C . 0.36 -2.21 -15.30
O4 FMN C . 0.47 -1.04 -15.68
C4A FMN C . 0.61 -2.64 -14.01
N5 FMN C . 1.01 -1.72 -13.07
C5A FMN C . 1.21 -2.12 -11.78
C6 FMN C . 1.58 -1.15 -10.84
C7 FMN C . 1.78 -1.53 -9.51
C7M FMN C . 2.16 -0.48 -8.48
C8 FMN C . 1.64 -2.88 -9.14
C8M FMN C . 1.84 -3.32 -7.70
C9 FMN C . 1.27 -3.84 -10.09
C9A FMN C . 1.08 -3.45 -11.41
N10 FMN C . 0.71 -4.39 -12.37
C10 FMN C . 0.46 -3.96 -13.66
C1' FMN C . 0.57 -5.83 -12.06
C2' FMN C . 1.98 -6.47 -11.94
O2' FMN C . 2.47 -6.74 -13.23
C3' FMN C . 1.79 -7.76 -11.13
O3' FMN C . 1.38 -7.42 -9.82
C4' FMN C . 3.02 -8.67 -11.07
O4' FMN C . 3.28 -9.11 -12.40
C5' FMN C . 2.80 -9.85 -10.15
O5' FMN C . 1.68 -10.63 -10.57
P FMN C . 1.26 -11.89 -9.72
O1P FMN C . 0.12 -12.43 -10.61
O2P FMN C . 0.77 -11.51 -8.39
O3P FMN C . 2.46 -12.84 -9.72
HN3 FMN C . -0.21 -2.87 -17.17
H6 FMN C . 1.69 -0.11 -11.14
HM71 FMN C . 2.49 -0.97 -7.56
HM72 FMN C . 1.29 0.14 -8.26
HM73 FMN C . 2.96 0.14 -8.87
HM81 FMN C . 1.79 -4.41 -7.64
HM82 FMN C . 1.07 -2.89 -7.07
HM83 FMN C . 2.82 -2.99 -7.35
H9 FMN C . 1.13 -4.88 -9.79
H1'1 FMN C . 0.01 -6.33 -12.84
H1'2 FMN C . 0.02 -5.96 -11.11
H2' FMN C . 2.68 -5.80 -11.45
HO2' FMN C . 2.52 -7.70 -13.37
H3' FMN C . 1.04 -8.33 -11.67
HO3' FMN C . 2.10 -7.64 -9.19
H4' FMN C . 3.88 -8.11 -10.69
HO4' FMN C . 2.95 -10.04 -12.49
H5'1 FMN C . 2.64 -9.49 -9.14
H5'2 FMN C . 3.70 -10.47 -10.15
N IYR D . 1.50 -0.25 -18.10
CA IYR D . 2.12 -1.10 -19.11
CB IYR D . 3.46 -1.70 -18.66
CC IYR D . 3.49 -2.42 -17.36
CD IYR D . 4.08 -1.81 -16.26
CE IYR D . 4.16 -2.48 -15.04
IE IYR D . 4.96 -1.47 -13.51
CF IYR D . 3.67 -3.76 -14.91
OF IYR D . 3.71 -4.47 -13.76
CG IYR D . 3.08 -4.39 -16.01
CH IYR D . 3.00 -3.72 -17.23
C IYR D . 1.20 -2.23 -19.50
O IYR D . 1.39 -3.04 -20.42
OXT IYR D . 0.09 -2.40 -18.76
H2 IYR D . 1.08 0.55 -18.52
H IYR D . 2.19 0.03 -17.44
HA IYR D . 2.26 -0.49 -20.06
HB2 IYR D . 4.21 -0.86 -18.62
HB3 IYR D . 3.80 -2.41 -19.47
HD IYR D . 4.49 -0.80 -16.36
HG IYR D . 2.68 -5.41 -15.88
HH IYR D . 2.56 -4.23 -18.10
CL CL E . -1.65 -7.66 -9.89
CL CL F . 0.59 13.96 -4.80
CL CL G . -5.05 -12.96 -16.98
CL CL H . 8.37 -12.35 -13.01
N1 FMN I . 1.71 7.40 13.55
C2 FMN I . 2.61 8.08 14.31
O2 FMN I . 2.45 8.10 15.52
N3 FMN I . 3.69 8.70 13.76
C4 FMN I . 3.89 8.69 12.40
O4 FMN I . 4.87 9.25 11.92
C4A FMN I . 2.98 8.02 11.61
N5 FMN I . 3.15 8.03 10.26
C5A FMN I . 2.27 7.32 9.47
C6 FMN I . 2.47 7.26 8.10
C7 FMN I . 1.58 6.60 7.28
C7M FMN I . 1.86 6.52 5.81
C8 FMN I . 0.51 5.93 7.84
C8M FMN I . -0.46 5.17 7.00
C9 FMN I . 0.30 6.01 9.21
C9A FMN I . 1.19 6.69 10.04
N10 FMN I . 0.96 6.76 11.41
C10 FMN I . 1.89 7.38 12.19
C1' FMN I . -0.22 6.08 12.03
C2' FMN I . -1.48 6.94 11.81
O2' FMN I . -1.54 8.10 12.64
C3' FMN I . -2.73 6.07 12.06
O3' FMN I . -2.74 5.07 11.04
C4' FMN I . -4.03 6.85 12.09
O4' FMN I . -4.06 7.73 13.20
C5' FMN I . -5.20 5.89 12.20
O5' FMN I . -5.07 5.06 13.33
P FMN I . -6.22 3.96 13.65
O1P FMN I . -7.51 4.70 13.68
O2P FMN I . -5.82 3.34 14.97
O3P FMN I . -6.13 2.84 12.64
HN3 FMN I . 4.37 9.18 14.38
H6 FMN I . 3.35 7.74 7.67
HM71 FMN I . 1.28 5.72 5.36
HM72 FMN I . 2.93 6.33 5.65
HM73 FMN I . 1.59 7.47 5.34
HM81 FMN I . -1.36 4.95 7.59
HM82 FMN I . -0.01 4.23 6.67
HM83 FMN I . -0.73 5.77 6.13
H9 FMN I . -0.57 5.52 9.65
H1'1 FMN I . -0.05 5.94 13.10
H1'2 FMN I . -0.37 5.10 11.58
H2' FMN I . -1.43 7.30 10.78
HO2' FMN I . -2.31 8.03 13.24
H3' FMN I . -2.66 5.64 13.05
HO3' FMN I . -3.51 5.20 10.46
H4' FMN I . -4.11 7.44 11.17
HO4' FMN I . -4.70 7.41 13.86
H5'1 FMN I . -5.25 5.28 11.30
H5'2 FMN I . -6.13 6.46 12.27
N IYR J . 5.93 11.79 12.81
CA IYR J . 5.30 12.61 13.83
CB IYR J . 3.99 13.21 13.33
CC IYR J . 2.94 12.29 12.80
CD IYR J . 2.74 12.18 11.44
CE IYR J . 1.72 11.36 10.91
IE IYR J . 1.59 11.22 8.91
CF IYR J . 0.88 10.66 11.74
OF IYR J . -0.15 9.85 11.30
CG IYR J . 1.05 10.80 13.13
CH IYR J . 2.07 11.59 13.63
C IYR J . 4.98 11.90 15.11
O IYR J . 4.56 12.35 16.18
OXT IYR J . 5.20 10.57 15.08
H2 IYR J . 6.87 11.59 13.07
H IYR J . 5.91 12.27 11.92
HA IYR J . 6.05 13.40 14.15
HB2 IYR J . 4.25 13.95 12.53
HB3 IYR J . 3.54 13.79 14.19
HD IYR J . 3.39 12.76 10.75
HF IYR J . 0.05 9.53 10.40
HG IYR J . 0.34 10.27 13.81
HH IYR J . 2.22 11.65 14.73
CL CL K . -1.51 2.68 12.30
CL CL L . -9.09 11.37 13.60
#